data_7K2W
#
_entry.id   7K2W
#
_cell.length_a   41.654
_cell.length_b   41.654
_cell.length_c   232.309
_cell.angle_alpha   90.000
_cell.angle_beta   90.000
_cell.angle_gamma   120.000
#
_symmetry.space_group_name_H-M   'P 32 2 1'
#
loop_
_entity.id
_entity.type
_entity.pdbx_description
1 polymer Beta-lactamase
2 non-polymer "CEFOTAXIME, C3' cleaved, open, bound form"
3 water water
#
_entity_poly.entity_id   1
_entity_poly.type   'polypeptide(L)'
_entity_poly.pdbx_seq_one_letter_code
;SAVQNKLAALEKSSGGRLGVALIDTADNTQVLYRGDERFPMCSTSKVMAAAAVLKQSETQKQLLNQPVEIKPADLVNYNP
IAEKHVNGTMTLAELSAAALQYSDNTAMNKLIAQLGGPGGVTAFARAIGDETFRLDRTAPTLNTAIPGDPRDTTTPRAMA
QTLRQLTLGHALGETQRAQLVTWLKGNTTGAASIRAGLPTSWTVGDRTGSGDYGTTNDIAVIWP(UNK)NGRAPLVLVTY
FTQPQQNAESRRDVLASAARIIAEG
;
_entity_poly.pdbx_strand_id   A
#
loop_
_chem_comp.id
_chem_comp.type
_chem_comp.name
_chem_comp.formula
CEF non-polymer 'CEFOTAXIME, C3' cleaved, open, bound form' 'C14 H15 N5 O5 S2'
#
# COMPACT_ATOMS: atom_id res chain seq x y z
N SER A 1 1.58 -25.85 -4.99
CA SER A 1 2.53 -25.92 -3.89
C SER A 1 1.79 -26.09 -2.56
N ALA A 2 2.50 -26.57 -1.55
CA ALA A 2 1.89 -26.76 -0.23
C ALA A 2 1.38 -25.45 0.33
N VAL A 3 2.10 -24.35 0.09
CA VAL A 3 1.66 -23.04 0.56
C VAL A 3 0.32 -22.66 -0.06
N GLN A 4 0.14 -22.98 -1.35
CA GLN A 4 -1.09 -22.55 -2.03
C GLN A 4 -2.32 -23.28 -1.49
N ASN A 5 -2.19 -24.55 -1.14
CA ASN A 5 -3.29 -25.26 -0.47
C ASN A 5 -3.56 -24.67 0.90
N LYS A 6 -2.51 -24.21 1.57
CA LYS A 6 -2.59 -23.68 2.92
C LYS A 6 -3.35 -22.36 2.88
N LEU A 7 -3.09 -21.56 1.84
CA LEU A 7 -3.77 -20.29 1.63
C LEU A 7 -5.20 -20.48 1.15
N ALA A 8 -5.42 -21.47 0.29
CA ALA A 8 -6.77 -21.76 -0.17
C ALA A 8 -7.65 -22.18 1.01
N ALA A 9 -7.09 -22.94 1.95
CA ALA A 9 -7.84 -23.32 3.13
C ALA A 9 -8.11 -22.11 4.03
N LEU A 10 -7.12 -21.23 4.19
CA LEU A 10 -7.36 -19.98 4.92
C LEU A 10 -8.49 -19.20 4.26
N GLU A 11 -8.44 -19.06 2.94
CA GLU A 11 -9.51 -18.36 2.23
C GLU A 11 -10.86 -19.01 2.46
N LYS A 12 -10.93 -20.34 2.33
CA LYS A 12 -12.18 -21.04 2.60
C LYS A 12 -12.63 -20.81 4.03
N SER A 13 -11.68 -20.70 4.97
CA SER A 13 -11.97 -20.46 6.36
C SER A 13 -12.19 -18.98 6.68
N SER A 14 -12.23 -18.13 5.66
CA SER A 14 -12.52 -16.72 5.86
C SER A 14 -13.87 -16.29 5.29
N GLY A 15 -14.40 -17.04 4.33
CA GLY A 15 -15.62 -16.65 3.65
C GLY A 15 -15.45 -15.59 2.60
N GLY A 16 -14.22 -15.11 2.38
CA GLY A 16 -14.00 -14.04 1.42
C GLY A 16 -13.08 -14.44 0.28
N ARG A 17 -12.46 -13.45 -0.36
CA ARG A 17 -11.58 -13.65 -1.50
C ARG A 17 -10.21 -13.09 -1.15
N LEU A 18 -9.19 -13.95 -1.21
CA LEU A 18 -7.85 -13.62 -0.76
C LEU A 18 -6.90 -13.59 -1.96
N GLY A 19 -6.06 -12.56 -2.00
CA GLY A 19 -5.01 -12.45 -3.00
C GLY A 19 -3.65 -12.25 -2.36
N VAL A 20 -2.67 -13.04 -2.77
CA VAL A 20 -1.34 -13.00 -2.17
C VAL A 20 -0.29 -13.02 -3.28
N ALA A 21 0.74 -12.21 -3.12
CA ALA A 21 1.93 -12.27 -3.97
C ALA A 21 3.15 -12.08 -3.09
N LEU A 22 4.06 -13.04 -3.12
CA LEU A 22 5.32 -12.97 -2.41
C LEU A 22 6.46 -12.97 -3.42
N ILE A 23 7.43 -12.10 -3.22
CA ILE A 23 8.67 -12.10 -3.99
C ILE A 23 9.80 -12.47 -3.05
N ASP A 24 10.40 -13.64 -3.26
CA ASP A 24 11.62 -14.02 -2.57
C ASP A 24 12.79 -13.54 -3.43
N THR A 25 13.45 -12.47 -2.99
CA THR A 25 14.61 -11.94 -3.69
C THR A 25 15.89 -12.72 -3.39
N ALA A 26 15.79 -14.03 -3.20
CA ALA A 26 16.94 -14.92 -3.14
C ALA A 26 17.18 -15.61 -4.47
N ASP A 27 16.11 -15.99 -5.15
CA ASP A 27 16.14 -16.65 -6.45
C ASP A 27 15.03 -16.13 -7.36
N ASN A 28 14.49 -14.95 -7.05
CA ASN A 28 13.34 -14.38 -7.75
C ASN A 28 12.18 -15.37 -7.88
N THR A 29 12.06 -16.28 -6.93
CA THR A 29 10.88 -17.13 -6.91
C THR A 29 9.70 -16.38 -6.31
N GLN A 30 8.51 -16.81 -6.70
CA GLN A 30 7.28 -16.13 -6.32
C GLN A 30 6.26 -17.14 -5.82
N VAL A 31 5.49 -16.73 -4.82
CA VAL A 31 4.29 -17.45 -4.40
C VAL A 31 3.10 -16.55 -4.73
N LEU A 32 2.12 -17.11 -5.41
CA LEU A 32 0.96 -16.36 -5.88
C LEU A 32 -0.30 -17.13 -5.52
N TYR A 33 -1.28 -16.41 -4.95
CA TYR A 33 -2.63 -16.92 -4.79
C TYR A 33 -3.58 -15.87 -5.31
N ARG A 34 -4.34 -16.21 -6.35
CA ARG A 34 -5.14 -15.23 -7.09
C ARG A 34 -4.28 -14.03 -7.49
N GLY A 35 -3.05 -14.32 -7.91
CA GLY A 35 -2.06 -13.29 -8.16
C GLY A 35 -2.39 -12.38 -9.33
N ASP A 36 -3.27 -12.82 -10.23
CA ASP A 36 -3.63 -12.01 -11.39
C ASP A 36 -5.08 -11.55 -11.38
N GLU A 37 -5.80 -11.75 -10.27
CA GLU A 37 -7.12 -11.17 -10.11
C GLU A 37 -7.00 -9.75 -9.60
N ARG A 38 -8.00 -8.93 -9.96
CA ARG A 38 -8.01 -7.55 -9.51
C ARG A 38 -8.64 -7.45 -8.13
N PHE A 39 -8.08 -6.58 -7.30
CA PHE A 39 -8.56 -6.29 -5.97
C PHE A 39 -8.59 -4.79 -5.79
N PRO A 40 -9.56 -4.25 -5.05
CA PRO A 40 -9.53 -2.82 -4.73
C PRO A 40 -8.34 -2.52 -3.83
N MET A 41 -7.50 -1.58 -4.27
CA MET A 41 -6.26 -1.28 -3.56
C MET A 41 -6.54 -0.58 -2.24
N CYS A 42 -7.55 0.27 -2.22
CA CYS A 42 -7.85 1.13 -1.05
C CYS A 42 -6.59 1.96 -0.74
N SER A 43 -6.25 2.15 0.53
CA SER A 43 -5.18 3.05 0.92
C SER A 43 -3.78 2.51 0.62
N THR A 44 -3.64 1.28 0.15
CA THR A 44 -2.32 0.83 -0.31
C THR A 44 -1.87 1.59 -1.55
N SER A 45 -2.80 2.27 -2.24
CA SER A 45 -2.43 3.14 -3.36
C SER A 45 -1.57 4.31 -2.92
N LYS A 46 -1.51 4.60 -1.61
CA LYS A 46 -0.72 5.72 -1.13
C LYS A 46 0.77 5.53 -1.42
N VAL A 47 1.23 4.29 -1.52
CA VAL A 47 2.64 4.04 -1.83
C VAL A 47 2.99 4.57 -3.21
N MET A 48 2.12 4.30 -4.20
CA MET A 48 2.37 4.79 -5.55
C MET A 48 2.35 6.31 -5.60
N ALA A 49 1.40 6.93 -4.89
CA ALA A 49 1.28 8.39 -4.91
C ALA A 49 2.49 9.03 -4.24
N ALA A 50 2.88 8.52 -3.06
CA ALA A 50 4.04 9.08 -2.37
C ALA A 50 5.31 8.89 -3.19
N ALA A 51 5.47 7.72 -3.81
CA ALA A 51 6.64 7.47 -4.64
C ALA A 51 6.67 8.41 -5.84
N ALA A 52 5.51 8.70 -6.42
CA ALA A 52 5.45 9.60 -7.58
C ALA A 52 5.90 11.00 -7.22
N VAL A 53 5.55 11.46 -6.01
CA VAL A 53 6.04 12.76 -5.54
C VAL A 53 7.53 12.70 -5.27
N LEU A 54 8.00 11.60 -4.70
CA LEU A 54 9.44 11.42 -4.49
C LEU A 54 10.20 11.47 -5.82
N LYS A 55 9.64 10.85 -6.86
CA LYS A 55 10.26 10.93 -8.19
C LYS A 55 10.34 12.37 -8.68
N GLN A 56 9.28 13.16 -8.47
CA GLN A 56 9.34 14.58 -8.82
C GLN A 56 10.45 15.29 -8.08
N SER A 57 10.66 14.94 -6.81
CA SER A 57 11.66 15.60 -5.99
C SER A 57 13.10 15.31 -6.42
N GLU A 58 13.31 14.32 -7.29
CA GLU A 58 14.64 14.10 -7.85
C GLU A 58 15.07 15.29 -8.71
N THR A 59 14.12 15.93 -9.40
CA THR A 59 14.37 17.14 -10.16
C THR A 59 14.15 18.40 -9.32
N GLN A 60 13.01 18.46 -8.62
CA GLN A 60 12.70 19.59 -7.75
C GLN A 60 13.25 19.28 -6.36
N LYS A 61 14.46 19.76 -6.10
CA LYS A 61 15.23 19.27 -4.95
C LYS A 61 14.59 19.65 -3.62
N GLN A 62 13.90 20.79 -3.55
CA GLN A 62 13.30 21.26 -2.31
C GLN A 62 11.82 20.94 -2.21
N LEU A 63 11.31 20.06 -3.06
CA LEU A 63 9.86 19.85 -3.17
C LEU A 63 9.26 19.34 -1.87
N LEU A 64 9.99 18.50 -1.13
CA LEU A 64 9.45 17.93 0.09
C LEU A 64 9.23 18.96 1.19
N ASN A 65 9.90 20.10 1.13
CA ASN A 65 9.71 21.16 2.12
C ASN A 65 8.70 22.20 1.69
N GLN A 66 8.03 22.01 0.57
CA GLN A 66 7.05 22.96 0.07
C GLN A 66 5.82 22.97 0.97
N PRO A 67 5.42 24.11 1.52
CA PRO A 67 4.21 24.14 2.36
C PRO A 67 2.96 24.00 1.51
N VAL A 68 1.96 23.32 2.08
CA VAL A 68 0.67 23.11 1.43
C VAL A 68 -0.41 23.51 2.41
N GLU A 69 -1.30 24.40 1.99
CA GLU A 69 -2.39 24.85 2.86
C GLU A 69 -3.36 23.71 3.12
N ILE A 70 -3.79 23.61 4.38
CA ILE A 70 -4.86 22.71 4.77
C ILE A 70 -6.07 23.58 5.09
N LYS A 71 -7.11 23.48 4.26
CA LYS A 71 -8.32 24.27 4.41
C LYS A 71 -9.46 23.40 4.93
N PRO A 72 -10.45 24.00 5.61
CA PRO A 72 -11.60 23.20 6.08
C PRO A 72 -12.26 22.38 4.98
N ALA A 73 -12.30 22.91 3.75
CA ALA A 73 -12.93 22.19 2.65
C ALA A 73 -12.12 20.98 2.19
N ASP A 74 -10.84 20.90 2.57
CA ASP A 74 -10.02 19.77 2.19
C ASP A 74 -10.33 18.52 3.01
N LEU A 75 -10.99 18.68 4.15
CA LEU A 75 -11.23 17.56 5.06
C LEU A 75 -12.21 16.57 4.44
N VAL A 76 -11.92 15.28 4.61
CA VAL A 76 -12.77 14.22 4.11
C VAL A 76 -13.19 13.30 5.24
N ASN A 77 -13.21 11.98 4.99
CA ASN A 77 -13.79 11.05 5.96
C ASN A 77 -12.84 10.70 7.09
N TYR A 78 -11.53 10.70 6.85
CA TYR A 78 -10.57 10.31 7.87
C TYR A 78 -9.33 11.16 7.73
N ASN A 79 -9.07 11.99 8.73
CA ASN A 79 -8.15 13.11 8.57
C ASN A 79 -7.28 13.29 9.81
N PRO A 80 -6.67 12.22 10.36
CA PRO A 80 -6.10 12.33 11.72
C PRO A 80 -5.04 13.41 11.87
N ILE A 81 -4.12 13.51 10.92
CA ILE A 81 -3.03 14.47 11.02
C ILE A 81 -3.40 15.81 10.40
N ALA A 82 -4.08 15.80 9.24
CA ALA A 82 -4.42 17.04 8.56
C ALA A 82 -5.36 17.90 9.39
N GLU A 83 -6.26 17.29 10.15
CA GLU A 83 -7.18 18.06 10.97
C GLU A 83 -6.47 18.90 12.03
N LYS A 84 -5.24 18.51 12.40
CA LYS A 84 -4.48 19.27 13.37
C LYS A 84 -3.86 20.53 12.78
N HIS A 85 -3.87 20.69 11.46
CA HIS A 85 -3.21 21.81 10.81
C HIS A 85 -4.14 22.61 9.90
N VAL A 86 -5.45 22.49 10.11
CA VAL A 86 -6.41 23.28 9.36
C VAL A 86 -6.14 24.76 9.60
N ASN A 87 -6.34 25.56 8.55
CA ASN A 87 -6.04 26.99 8.53
C ASN A 87 -4.55 27.29 8.70
N GLY A 88 -3.70 26.27 8.59
CA GLY A 88 -2.26 26.42 8.53
C GLY A 88 -1.71 25.63 7.37
N THR A 89 -0.45 25.22 7.42
CA THR A 89 0.17 24.48 6.33
C THR A 89 0.87 23.23 6.85
N MET A 90 1.10 22.30 5.92
CA MET A 90 1.95 21.14 6.13
C MET A 90 2.84 20.99 4.91
N THR A 91 4.05 20.50 5.12
CA THR A 91 4.94 20.28 3.97
C THR A 91 4.56 18.98 3.27
N LEU A 92 5.03 18.85 2.02
CA LEU A 92 4.78 17.62 1.28
C LEU A 92 5.41 16.41 1.96
N ALA A 93 6.54 16.61 2.65
CA ALA A 93 7.12 15.54 3.43
C ALA A 93 6.19 15.16 4.59
N GLU A 94 5.68 16.16 5.30
CA GLU A 94 4.74 15.88 6.39
C GLU A 94 3.45 15.25 5.89
N LEU A 95 3.00 15.63 4.69
CA LEU A 95 1.82 15.01 4.12
C LEU A 95 2.11 13.57 3.69
N SER A 96 3.29 13.33 3.11
CA SER A 96 3.66 11.97 2.75
C SER A 96 3.71 11.07 3.97
N ALA A 97 4.31 11.56 5.07
CA ALA A 97 4.37 10.77 6.30
C ALA A 97 2.99 10.52 6.86
N ALA A 98 2.11 11.54 6.84
CA ALA A 98 0.76 11.36 7.34
C ALA A 98 0.01 10.31 6.54
N ALA A 99 0.14 10.32 5.21
CA ALA A 99 -0.51 9.32 4.39
C ALA A 99 0.03 7.92 4.67
N LEU A 100 1.35 7.78 4.69
CA LEU A 100 1.97 6.46 4.77
C LEU A 100 2.01 5.89 6.19
N GLN A 101 1.90 6.72 7.22
CA GLN A 101 2.03 6.25 8.58
C GLN A 101 0.75 6.33 9.40
N TYR A 102 -0.25 7.07 8.94
CA TYR A 102 -1.50 7.22 9.66
C TYR A 102 -2.73 7.05 8.78
N SER A 103 -2.55 6.70 7.50
CA SER A 103 -3.67 6.51 6.57
C SER A 103 -4.52 7.77 6.43
N ASP A 104 -3.87 8.93 6.44
CA ASP A 104 -4.58 10.20 6.35
C ASP A 104 -5.04 10.42 4.92
N ASN A 105 -6.35 10.49 4.71
CA ASN A 105 -6.91 10.61 3.37
C ASN A 105 -6.76 12.03 2.80
N THR A 106 -6.81 13.05 3.65
CA THR A 106 -6.54 14.41 3.15
C THR A 106 -5.11 14.50 2.64
N ALA A 107 -4.16 13.87 3.34
CA ALA A 107 -2.78 13.85 2.87
C ALA A 107 -2.67 13.16 1.52
N MET A 108 -3.38 12.05 1.33
CA MET A 108 -3.36 11.36 0.04
C MET A 108 -3.84 12.28 -1.07
N ASN A 109 -4.89 13.06 -0.81
CA ASN A 109 -5.42 13.96 -1.82
C ASN A 109 -4.43 15.08 -2.14
N LYS A 110 -3.65 15.53 -1.17
CA LYS A 110 -2.63 16.52 -1.45
C LYS A 110 -1.53 15.94 -2.34
N LEU A 111 -1.20 14.67 -2.15
CA LEU A 111 -0.24 14.01 -3.04
C LEU A 111 -0.81 13.89 -4.45
N ILE A 112 -2.07 13.47 -4.55
CA ILE A 112 -2.73 13.37 -5.86
C ILE A 112 -2.74 14.73 -6.55
N ALA A 113 -3.07 15.78 -5.81
CA ALA A 113 -3.13 17.11 -6.41
C ALA A 113 -1.76 17.58 -6.89
N GLN A 114 -0.70 17.24 -6.15
CA GLN A 114 0.65 17.59 -6.58
C GLN A 114 1.01 16.92 -7.90
N LEU A 115 0.44 15.74 -8.16
CA LEU A 115 0.72 15.00 -9.39
C LEU A 115 -0.24 15.34 -10.51
N GLY A 116 -1.17 16.27 -10.31
CA GLY A 116 -2.09 16.66 -11.35
C GLY A 116 -3.33 15.82 -11.47
N GLY A 117 -3.74 15.14 -10.40
CA GLY A 117 -4.91 14.29 -10.43
C GLY A 117 -4.56 12.82 -10.38
N PRO A 118 -5.56 11.96 -10.25
CA PRO A 118 -5.29 10.51 -10.20
C PRO A 118 -4.55 10.00 -11.41
N GLY A 119 -4.76 10.62 -12.58
CA GLY A 119 -4.01 10.22 -13.77
C GLY A 119 -2.52 10.38 -13.63
N GLY A 120 -2.08 11.31 -12.77
CA GLY A 120 -0.66 11.46 -12.51
C GLY A 120 -0.08 10.33 -11.69
N VAL A 121 -0.90 9.69 -10.85
CA VAL A 121 -0.44 8.52 -10.12
C VAL A 121 -0.32 7.31 -11.04
N THR A 122 -1.36 7.07 -11.84
CA THR A 122 -1.32 5.98 -12.80
C THR A 122 -0.16 6.15 -13.78
N ALA A 123 0.11 7.41 -14.17
CA ALA A 123 1.20 7.69 -15.09
C ALA A 123 2.53 7.24 -14.53
N PHE A 124 2.78 7.49 -13.24
CA PHE A 124 4.02 7.07 -12.63
C PHE A 124 4.13 5.56 -12.59
N ALA A 125 3.00 4.87 -12.37
CA ALA A 125 3.00 3.41 -12.41
C ALA A 125 3.43 2.90 -13.78
N ARG A 126 2.87 3.47 -14.85
CA ARG A 126 3.26 3.06 -16.19
C ARG A 126 4.73 3.38 -16.46
N ALA A 127 5.21 4.52 -15.94
CA ALA A 127 6.60 4.91 -16.15
C ALA A 127 7.59 3.94 -15.52
N ILE A 128 7.19 3.21 -14.48
CA ILE A 128 8.07 2.23 -13.84
C ILE A 128 7.80 0.81 -14.30
N GLY A 129 6.90 0.62 -15.27
CA GLY A 129 6.64 -0.69 -15.83
C GLY A 129 5.38 -1.36 -15.35
N ASP A 130 4.63 -0.75 -14.44
CA ASP A 130 3.40 -1.34 -13.90
C ASP A 130 2.27 -0.98 -14.87
N GLU A 131 1.84 -1.97 -15.66
CA GLU A 131 0.76 -1.79 -16.62
C GLU A 131 -0.60 -2.14 -16.04
N THR A 132 -0.67 -2.56 -14.78
CA THR A 132 -1.88 -3.07 -14.17
C THR A 132 -2.54 -2.08 -13.21
N PHE A 133 -1.73 -1.37 -12.42
CA PHE A 133 -2.23 -0.38 -11.48
C PHE A 133 -3.07 0.66 -12.19
N ARG A 134 -4.21 1.00 -11.59
CA ARG A 134 -5.00 2.14 -12.06
C ARG A 134 -5.60 2.87 -10.86
N LEU A 135 -5.35 4.17 -10.78
CA LEU A 135 -6.01 5.04 -9.82
C LEU A 135 -6.95 5.96 -10.60
N ASP A 136 -8.23 5.91 -10.23
CA ASP A 136 -9.28 6.61 -10.95
C ASP A 136 -9.94 7.71 -10.16
N ARG A 137 -9.88 7.67 -8.83
CA ARG A 137 -10.61 8.59 -7.99
C ARG A 137 -9.71 9.10 -6.86
N THR A 138 -10.13 10.21 -6.27
CA THR A 138 -9.47 10.73 -5.09
C THR A 138 -9.99 10.01 -3.85
N ALA A 139 -9.44 10.38 -2.70
CA ALA A 139 -10.00 9.88 -1.44
C ALA A 139 -11.21 10.73 -1.06
N PRO A 140 -12.23 10.12 -0.43
CA PRO A 140 -12.26 8.72 -0.01
C PRO A 140 -12.92 7.74 -0.99
N THR A 141 -13.46 8.23 -2.12
CA THR A 141 -14.24 7.36 -2.98
C THR A 141 -13.40 6.25 -3.63
N LEU A 142 -12.08 6.39 -3.68
CA LEU A 142 -11.25 5.32 -4.23
C LEU A 142 -11.35 4.04 -3.41
N ASN A 143 -11.94 4.10 -2.21
CA ASN A 143 -12.00 2.96 -1.31
C ASN A 143 -13.36 2.28 -1.30
N THR A 144 -14.22 2.57 -2.29
CA THR A 144 -15.57 1.99 -2.27
C THR A 144 -15.54 0.47 -2.36
N ALA A 145 -14.56 -0.10 -3.06
CA ALA A 145 -14.28 -1.54 -3.03
C ALA A 145 -15.49 -2.37 -3.47
N ILE A 146 -16.21 -1.87 -4.47
CA ILE A 146 -17.41 -2.56 -4.95
C ILE A 146 -17.00 -3.79 -5.75
N PRO A 147 -17.61 -4.95 -5.51
CA PRO A 147 -17.20 -6.16 -6.24
C PRO A 147 -17.35 -5.99 -7.75
N GLY A 148 -16.28 -6.29 -8.48
CA GLY A 148 -16.27 -6.22 -9.92
C GLY A 148 -15.89 -4.87 -10.49
N ASP A 149 -15.86 -3.82 -9.69
CA ASP A 149 -15.55 -2.48 -10.18
C ASP A 149 -14.09 -2.41 -10.55
N PRO A 150 -13.73 -2.11 -11.80
CA PRO A 150 -12.31 -2.05 -12.18
C PRO A 150 -11.58 -0.85 -11.60
N ARG A 151 -12.29 0.17 -11.14
CA ARG A 151 -11.65 1.40 -10.70
C ARG A 151 -10.81 1.17 -9.46
N ASP A 152 -9.64 1.81 -9.43
CA ASP A 152 -8.78 1.82 -8.24
C ASP A 152 -8.37 0.42 -7.83
N THR A 153 -8.00 -0.40 -8.80
CA THR A 153 -7.62 -1.79 -8.56
C THR A 153 -6.22 -2.06 -9.09
N THR A 154 -5.65 -3.15 -8.60
CA THR A 154 -4.46 -3.76 -9.19
C THR A 154 -4.50 -5.25 -8.86
N THR A 155 -3.51 -5.97 -9.31
CA THR A 155 -3.37 -7.38 -8.97
C THR A 155 -2.25 -7.57 -7.97
N PRO A 156 -2.31 -8.64 -7.16
CA PRO A 156 -1.20 -8.88 -6.22
C PRO A 156 0.16 -8.99 -6.88
N ARG A 157 0.25 -9.67 -8.03
CA ARG A 157 1.54 -9.82 -8.70
C ARG A 157 2.12 -8.46 -9.08
N ALA A 158 1.30 -7.59 -9.65
CA ALA A 158 1.79 -6.29 -10.10
C ALA A 158 2.24 -5.42 -8.94
N MET A 159 1.46 -5.41 -7.84
CA MET A 159 1.82 -4.56 -6.71
C MET A 159 3.07 -5.05 -6.01
N ALA A 160 3.30 -6.36 -5.95
CA ALA A 160 4.52 -6.86 -5.34
C ALA A 160 5.75 -6.44 -6.13
N GLN A 161 5.69 -6.55 -7.46
CA GLN A 161 6.82 -6.14 -8.29
C GLN A 161 7.10 -4.64 -8.14
N THR A 162 6.04 -3.83 -8.13
CA THR A 162 6.21 -2.39 -8.00
C THR A 162 6.84 -2.03 -6.64
N LEU A 163 6.35 -2.65 -5.56
CA LEU A 163 6.83 -2.30 -4.23
C LEU A 163 8.31 -2.64 -4.07
N ARG A 164 8.74 -3.75 -4.67
CA ARG A 164 10.16 -4.10 -4.67
C ARG A 164 11.00 -2.99 -5.28
N GLN A 165 10.71 -2.66 -6.54
CA GLN A 165 11.42 -1.61 -7.27
C GLN A 165 11.42 -0.27 -6.54
N LEU A 166 10.33 0.07 -5.85
CA LEU A 166 10.30 1.35 -5.15
C LEU A 166 11.19 1.34 -3.90
N THR A 167 11.18 0.23 -3.15
CA THR A 167 11.82 0.18 -1.85
C THR A 167 13.19 -0.50 -1.87
N LEU A 168 13.40 -1.46 -2.75
CA LEU A 168 14.68 -2.15 -2.86
C LEU A 168 15.38 -1.95 -4.19
N GLY A 169 14.64 -1.68 -5.26
CA GLY A 169 15.21 -1.43 -6.56
C GLY A 169 15.62 0.02 -6.74
N HIS A 170 15.72 0.44 -8.00
CA HIS A 170 16.15 1.79 -8.34
C HIS A 170 15.11 2.53 -9.18
N ALA A 171 13.83 2.24 -8.96
CA ALA A 171 12.79 3.07 -9.56
C ALA A 171 12.84 4.50 -9.06
N LEU A 172 13.43 4.72 -7.88
CA LEU A 172 13.62 6.03 -7.29
C LEU A 172 15.10 6.28 -7.07
N GLY A 173 15.44 7.55 -6.85
CA GLY A 173 16.79 7.88 -6.42
C GLY A 173 17.07 7.37 -5.01
N GLU A 174 18.35 7.25 -4.67
CA GLU A 174 18.73 6.61 -3.43
C GLU A 174 18.20 7.36 -2.21
N THR A 175 18.30 8.70 -2.21
CA THR A 175 17.73 9.47 -1.11
C THR A 175 16.23 9.27 -1.03
N GLN A 176 15.56 9.19 -2.18
CA GLN A 176 14.12 9.01 -2.22
C GLN A 176 13.72 7.61 -1.78
N ARG A 177 14.43 6.58 -2.26
CA ARG A 177 14.15 5.21 -1.83
C ARG A 177 14.32 5.06 -0.33
N ALA A 178 15.36 5.69 0.23
CA ALA A 178 15.59 5.60 1.67
C ALA A 178 14.50 6.31 2.46
N GLN A 179 14.02 7.44 1.93
CA GLN A 179 12.94 8.17 2.60
C GLN A 179 11.66 7.36 2.61
N LEU A 180 11.34 6.69 1.49
CA LEU A 180 10.17 5.84 1.43
C LEU A 180 10.30 4.67 2.40
N VAL A 181 11.50 4.11 2.50
CA VAL A 181 11.75 3.02 3.44
C VAL A 181 11.52 3.48 4.88
N THR A 182 12.06 4.64 5.24
CA THR A 182 11.85 5.19 6.57
C THR A 182 10.37 5.40 6.84
N TRP A 183 9.64 5.95 5.87
CA TRP A 183 8.21 6.18 6.05
C TRP A 183 7.46 4.87 6.27
N LEU A 184 7.78 3.85 5.46
CA LEU A 184 7.06 2.58 5.57
C LEU A 184 7.40 1.86 6.87
N LYS A 185 8.67 1.87 7.29
CA LYS A 185 9.04 1.26 8.56
C LYS A 185 8.32 1.91 9.73
N GLY A 186 8.01 3.20 9.63
CA GLY A 186 7.35 3.93 10.69
C GLY A 186 5.84 3.94 10.64
N ASN A 187 5.24 3.11 9.79
CA ASN A 187 3.77 3.06 9.73
C ASN A 187 3.21 2.60 11.07
N THR A 188 2.11 3.23 11.48
CA THR A 188 1.49 2.93 12.76
C THR A 188 0.23 2.08 12.65
N THR A 189 -0.24 1.81 11.43
CA THR A 189 -1.55 1.16 11.23
C THR A 189 -1.47 -0.32 10.92
N GLY A 190 -0.27 -0.92 10.94
CA GLY A 190 -0.11 -2.29 10.47
C GLY A 190 0.16 -3.36 11.51
N ALA A 191 -0.01 -3.06 12.80
CA ALA A 191 0.41 -4.01 13.84
C ALA A 191 -0.38 -5.31 13.81
N ALA A 192 -1.63 -5.27 13.35
CA ALA A 192 -2.49 -6.45 13.33
C ALA A 192 -2.55 -7.13 11.98
N SER A 193 -1.80 -6.65 10.99
CA SER A 193 -1.89 -7.14 9.63
C SER A 193 -0.65 -8.04 9.34
N ILE A 194 0.13 -7.79 8.30
CA ILE A 194 1.25 -8.68 7.97
C ILE A 194 2.21 -8.81 9.15
N ARG A 195 2.46 -7.70 9.85
CA ARG A 195 3.41 -7.71 10.96
C ARG A 195 3.04 -8.76 12.01
N ALA A 196 1.74 -8.97 12.23
CA ALA A 196 1.31 -9.90 13.28
C ALA A 196 1.55 -11.35 12.93
N GLY A 197 1.86 -11.67 11.66
CA GLY A 197 2.11 -13.03 11.26
C GLY A 197 3.56 -13.39 11.07
N LEU A 198 4.49 -12.46 11.31
CA LEU A 198 5.89 -12.70 11.00
C LEU A 198 6.74 -12.77 12.27
N PRO A 199 7.86 -13.48 12.22
CA PRO A 199 8.77 -13.52 13.36
C PRO A 199 9.16 -12.12 13.83
N THR A 200 9.26 -11.94 15.14
CA THR A 200 9.51 -10.63 15.72
C THR A 200 10.86 -10.05 15.33
N SER A 201 11.81 -10.89 14.89
CA SER A 201 13.14 -10.43 14.54
C SER A 201 13.25 -9.91 13.11
N TRP A 202 12.18 -10.01 12.32
CA TRP A 202 12.17 -9.45 10.97
C TRP A 202 11.72 -8.00 11.01
N THR A 203 12.48 -7.12 10.34
CA THR A 203 12.07 -5.73 10.13
C THR A 203 11.10 -5.64 8.96
N VAL A 204 10.07 -4.83 9.15
CA VAL A 204 8.95 -4.67 8.22
C VAL A 204 8.64 -3.19 8.05
N GLY A 205 8.42 -2.77 6.82
CA GLY A 205 7.68 -1.56 6.53
C GLY A 205 6.47 -1.96 5.71
N ASP A 206 5.31 -1.39 6.04
CA ASP A 206 4.13 -1.76 5.30
C ASP A 206 3.24 -0.55 5.12
N ARG A 207 2.10 -0.77 4.50
CA ARG A 207 1.08 0.23 4.21
C ARG A 207 -0.24 -0.50 3.98
N THR A 208 -1.17 -0.23 4.89
CA THR A 208 -2.43 -0.92 4.95
C THR A 208 -3.49 -0.19 4.13
N GLY A 209 -4.64 -0.83 4.00
CA GLY A 209 -5.79 -0.23 3.36
C GLY A 209 -7.03 -1.00 3.77
N SER A 210 -8.16 -0.31 3.70
CA SER A 210 -9.43 -0.93 4.02
C SER A 210 -10.55 -0.18 3.33
N GLY A 211 -11.67 -0.87 3.18
CA GLY A 211 -12.81 -0.27 2.52
C GLY A 211 -14.07 -1.07 2.78
N ASP A 212 -15.14 -0.69 2.09
CA ASP A 212 -16.38 -1.44 2.20
C ASP A 212 -16.19 -2.87 1.69
N TYR A 213 -17.21 -3.69 1.94
CA TYR A 213 -17.14 -5.13 1.70
C TYR A 213 -16.02 -5.79 2.51
N GLY A 214 -15.78 -5.26 3.70
CA GLY A 214 -14.77 -5.80 4.60
C GLY A 214 -13.40 -5.89 3.97
N THR A 215 -13.12 -5.00 3.01
CA THR A 215 -11.86 -5.05 2.31
C THR A 215 -10.73 -4.71 3.26
N THR A 216 -9.71 -5.57 3.32
CA THR A 216 -8.63 -5.43 4.27
C THR A 216 -7.33 -5.77 3.56
N ASN A 217 -6.44 -4.79 3.43
CA ASN A 217 -5.25 -4.93 2.62
C ASN A 217 -4.00 -4.57 3.40
N ASP A 218 -2.89 -5.10 2.95
CA ASP A 218 -1.58 -4.74 3.47
C ASP A 218 -0.54 -5.12 2.42
N ILE A 219 0.40 -4.22 2.17
CA ILE A 219 1.56 -4.49 1.33
C ILE A 219 2.80 -4.15 2.13
N ALA A 220 3.79 -5.04 2.08
CA ALA A 220 4.92 -4.93 2.98
C ALA A 220 6.20 -5.37 2.28
N VAL A 221 7.30 -4.77 2.70
CA VAL A 221 8.65 -5.22 2.37
C VAL A 221 9.30 -5.70 3.66
N ILE A 222 9.88 -6.90 3.61
CA ILE A 222 10.26 -7.64 4.79
C ILE A 222 11.74 -7.98 4.71
N TRP A 223 12.48 -7.63 5.77
CA TRP A 223 13.91 -7.96 5.86
C TRP A 223 14.09 -8.99 6.96
N PRO A 224 14.09 -10.28 6.63
CA PRO A 224 14.46 -11.23 7.69
C PRO A 224 15.91 -10.98 8.00
N ASN A 226 17.07 -13.41 10.44
CA ASN A 226 17.94 -12.42 9.80
C ASN A 226 18.92 -13.03 8.80
N GLY A 227 19.81 -12.19 8.27
CA GLY A 227 20.89 -12.66 7.42
C GLY A 227 20.46 -13.38 6.16
N ARG A 228 19.43 -12.88 5.48
CA ARG A 228 18.98 -13.49 4.23
C ARG A 228 18.41 -12.41 3.32
N ALA A 229 18.02 -12.81 2.12
CA ALA A 229 17.55 -11.89 1.09
C ALA A 229 16.14 -11.41 1.43
N PRO A 230 15.84 -10.13 1.21
CA PRO A 230 14.57 -9.57 1.67
C PRO A 230 13.38 -10.13 0.89
N LEU A 231 12.20 -9.86 1.44
CA LEU A 231 10.94 -10.37 0.92
C LEU A 231 10.02 -9.19 0.60
N VAL A 232 9.11 -9.42 -0.36
CA VAL A 232 8.05 -8.48 -0.67
C VAL A 232 6.74 -9.26 -0.65
N LEU A 233 5.76 -8.76 0.11
CA LEU A 233 4.52 -9.48 0.34
C LEU A 233 3.33 -8.56 0.16
N VAL A 234 2.37 -8.98 -0.66
CA VAL A 234 1.10 -8.31 -0.83
C VAL A 234 0.00 -9.26 -0.36
N THR A 235 -0.87 -8.77 0.52
CA THR A 235 -2.03 -9.53 0.99
C THR A 235 -3.27 -8.67 0.84
N TYR A 236 -4.15 -9.04 -0.09
CA TYR A 236 -5.40 -8.34 -0.35
C TYR A 236 -6.55 -9.27 0.01
N PHE A 237 -7.61 -8.72 0.60
CA PHE A 237 -8.74 -9.52 1.02
C PHE A 237 -10.02 -8.70 0.94
N THR A 238 -11.07 -9.30 0.39
CA THR A 238 -12.37 -8.64 0.30
C THR A 238 -13.46 -9.69 0.41
N GLN A 239 -14.67 -9.24 0.75
CA GLN A 239 -15.73 -10.11 1.23
C GLN A 239 -17.05 -9.85 0.51
N PRO A 240 -17.99 -10.79 0.58
CA PRO A 240 -19.23 -10.63 -0.20
C PRO A 240 -20.20 -9.60 0.38
N GLN A 241 -20.18 -9.39 1.69
CA GLN A 241 -21.16 -8.53 2.35
C GLN A 241 -20.67 -7.09 2.35
N GLN A 242 -21.54 -6.16 1.93
CA GLN A 242 -21.19 -4.74 1.90
C GLN A 242 -20.70 -4.26 3.25
N ASN A 243 -21.37 -4.66 4.33
CA ASN A 243 -21.05 -4.22 5.67
C ASN A 243 -20.17 -5.19 6.44
N ALA A 244 -19.41 -6.03 5.73
CA ALA A 244 -18.56 -7.00 6.40
C ALA A 244 -17.50 -6.30 7.24
N GLU A 245 -17.12 -6.94 8.34
CA GLU A 245 -16.15 -6.35 9.25
C GLU A 245 -14.72 -6.56 8.73
N SER A 246 -13.82 -5.73 9.25
CA SER A 246 -12.41 -5.86 8.92
C SER A 246 -11.88 -7.23 9.35
N ARG A 247 -10.94 -7.75 8.57
CA ARG A 247 -10.36 -9.07 8.83
C ARG A 247 -8.84 -9.01 8.70
N ARG A 248 -8.20 -8.17 9.52
CA ARG A 248 -6.75 -8.07 9.49
C ARG A 248 -6.09 -9.38 9.92
N ASP A 249 -6.80 -10.20 10.69
CA ASP A 249 -6.28 -11.51 11.09
C ASP A 249 -6.00 -12.39 9.87
N VAL A 250 -6.76 -12.21 8.78
CA VAL A 250 -6.54 -13.00 7.59
C VAL A 250 -5.20 -12.65 6.95
N LEU A 251 -4.85 -11.36 6.94
CA LEU A 251 -3.56 -10.95 6.40
C LEU A 251 -2.42 -11.45 7.27
N ALA A 252 -2.58 -11.40 8.59
CA ALA A 252 -1.58 -11.96 9.49
C ALA A 252 -1.39 -13.45 9.25
N SER A 253 -2.50 -14.18 9.06
CA SER A 253 -2.41 -15.61 8.87
C SER A 253 -1.79 -15.96 7.52
N ALA A 254 -2.06 -15.16 6.49
CA ALA A 254 -1.43 -15.38 5.20
C ALA A 254 0.08 -15.15 5.28
N ALA A 255 0.50 -14.12 6.01
CA ALA A 255 1.92 -13.85 6.17
C ALA A 255 2.61 -14.99 6.92
N ARG A 256 1.97 -15.50 7.98
CA ARG A 256 2.53 -16.62 8.72
C ARG A 256 2.73 -17.81 7.79
N ILE A 257 1.77 -18.06 6.91
CA ILE A 257 1.82 -19.20 5.99
C ILE A 257 2.96 -19.04 5.00
N ILE A 258 3.03 -17.88 4.34
CA ILE A 258 4.23 -17.54 3.59
C ILE A 258 5.50 -17.74 4.41
N ALA A 259 5.55 -17.21 5.63
CA ALA A 259 6.81 -17.25 6.36
C ALA A 259 7.24 -18.68 6.64
N GLU A 260 6.27 -19.58 6.89
CA GLU A 260 6.57 -20.99 7.10
C GLU A 260 7.36 -21.57 5.94
N GLY A 261 6.92 -21.31 4.71
CA GLY A 261 7.61 -21.77 3.52
C GLY A 261 8.57 -20.75 2.95
S1 CEF B . -9.32 5.00 6.39
C1 CEF B . -8.29 4.69 7.85
C2 CEF B . -7.87 3.25 7.84
C3 CEF B . -8.11 2.41 8.84
C4 CEF B . -7.18 2.83 6.61
C5 CEF B . -6.33 1.62 6.74
O1 CEF B . -6.95 0.48 6.56
O2 CEF B . -5.13 1.71 6.97
N1 CEF B . -7.22 3.38 5.47
C6 CEF B . -8.01 4.58 5.18
C7 CEF B . -8.71 4.44 3.76
C8 CEF B . -7.72 3.58 2.90
O3 CEF B . -7.86 2.40 2.81
N2 CEF B . -10.04 3.82 3.80
C9 CEF B . -11.14 4.59 3.74
O4 CEF B . -11.11 5.82 3.75
C10 CEF B . -12.43 3.85 3.62
N3 CEF B . -13.37 4.68 3.34
O5 CEF B . -13.52 4.82 1.95
C11 CEF B . -14.77 5.46 1.69
C12 CEF B . -12.87 2.76 4.48
C13 CEF B . -14.15 2.27 4.43
S2 CEF B . -14.35 1.01 5.58
C14 CEF B . -12.69 1.21 6.06
N4 CEF B . -12.15 0.46 7.02
N5 CEF B . -12.05 2.16 5.41
#